data_4E35
#
_entry.id   4E35
#
_cell.length_a   36.083
_cell.length_b   47.603
_cell.length_c   97.838
_cell.angle_alpha   90.00
_cell.angle_beta   90.00
_cell.angle_gamma   90.00
#
_symmetry.space_group_name_H-M   'P 21 21 21'
#
loop_
_entity.id
_entity.type
_entity.pdbx_description
1 polymer 'Golgi-associated PDZ and coiled-coil motif-containing protein'
2 polymer 'iCAL50 peptide'
3 non-polymer GLYCEROL
4 water water
#
loop_
_entity_poly.entity_id
_entity_poly.type
_entity_poly.pdbx_seq_one_letter_code
_entity_poly.pdbx_strand_id
1 'polypeptide(L)'
;GPIRKVLLLKEDHEGLGISITGGKEHGVPILISEIHPGQPADRCGGLHVGDAILAVNGVNLRDTKHKEAVTILSQQRGEI
EFEVVYV
;
A,B
2 'polypeptide(L)' ANSRWPTSIL C,D
#
# COMPACT_ATOMS: atom_id res chain seq x y z
N GLY A 1 -22.85 15.91 5.66
CA GLY A 1 -22.69 17.10 4.84
C GLY A 1 -23.06 16.84 3.39
N PRO A 2 -22.77 17.82 2.51
CA PRO A 2 -23.08 17.64 1.10
C PRO A 2 -22.13 16.66 0.44
N ILE A 3 -22.62 15.91 -0.53
CA ILE A 3 -21.73 15.07 -1.32
C ILE A 3 -20.85 15.96 -2.20
N ARG A 4 -19.56 15.64 -2.27
CA ARG A 4 -18.63 16.43 -3.07
C ARG A 4 -17.88 15.55 -4.07
N LYS A 5 -17.56 16.12 -5.22
CA LYS A 5 -16.66 15.49 -6.17
C LYS A 5 -15.32 16.19 -6.09
N VAL A 6 -14.25 15.42 -5.91
CA VAL A 6 -12.91 15.95 -5.67
C VAL A 6 -11.92 15.32 -6.62
N LEU A 7 -11.11 16.13 -7.28
CA LEU A 7 -10.05 15.62 -8.17
C LEU A 7 -8.70 15.52 -7.45
N LEU A 8 -8.01 14.40 -7.63
CA LEU A 8 -6.68 14.21 -7.07
C LEU A 8 -5.75 13.85 -8.22
N LEU A 9 -4.58 14.48 -8.25
CA LEU A 9 -3.55 14.17 -9.24
C LEU A 9 -2.39 13.50 -8.54
N LYS A 10 -1.98 12.35 -9.07
CA LYS A 10 -0.78 11.74 -8.54
C LYS A 10 0.07 11.11 -9.60
N GLU A 11 1.35 11.01 -9.29
CA GLU A 11 2.29 10.39 -10.19
C GLU A 11 2.45 8.91 -9.81
N ASP A 12 3.03 8.15 -10.70
CA ASP A 12 3.03 6.70 -10.54
C ASP A 12 3.91 6.19 -9.39
N HIS A 13 4.84 7.02 -8.93
CA HIS A 13 5.79 6.64 -7.88
C HIS A 13 5.22 6.86 -6.48
N GLU A 14 4.02 7.44 -6.41
CA GLU A 14 3.41 7.85 -5.16
C GLU A 14 2.19 7.01 -4.80
N GLY A 15 1.86 6.98 -3.53
CA GLY A 15 0.54 6.55 -3.11
C GLY A 15 -0.44 7.71 -3.07
N LEU A 16 -1.62 7.45 -2.53
CA LEU A 16 -2.65 8.48 -2.41
C LEU A 16 -2.32 9.46 -1.30
N GLY A 17 -1.66 9.00 -0.24
CA GLY A 17 -1.37 9.87 0.89
C GLY A 17 -2.52 9.94 1.87
N ILE A 18 -3.23 8.83 2.05
CA ILE A 18 -4.32 8.76 3.02
C ILE A 18 -4.18 7.49 3.83
N SER A 19 -4.78 7.51 5.00
CA SER A 19 -5.09 6.26 5.69
C SER A 19 -6.59 6.12 5.69
N ILE A 20 -7.06 4.90 5.50
CA ILE A 20 -8.47 4.59 5.60
C ILE A 20 -8.78 3.60 6.74
N THR A 21 -9.98 3.71 7.28
CA THR A 21 -10.49 2.77 8.26
C THR A 21 -11.93 2.43 7.88
N GLY A 22 -12.55 1.54 8.63
CA GLY A 22 -13.92 1.17 8.34
C GLY A 22 -14.02 0.11 7.26
N GLY A 23 -15.21 0.02 6.67
CA GLY A 23 -15.53 -1.02 5.70
C GLY A 23 -16.81 -1.77 6.07
N LYS A 24 -17.42 -2.36 5.07
CA LYS A 24 -18.73 -3.00 5.25
C LYS A 24 -18.76 -4.06 6.35
N GLU A 25 -17.70 -4.80 6.52
CA GLU A 25 -17.68 -5.85 7.54
C GLU A 25 -17.74 -5.26 8.96
N HIS A 26 -17.50 -3.96 9.06
CA HIS A 26 -17.57 -3.24 10.33
C HIS A 26 -18.83 -2.39 10.45
N GLY A 27 -19.68 -2.43 9.42
CA GLY A 27 -20.91 -1.67 9.41
C GLY A 27 -20.75 -0.17 9.21
N VAL A 28 -19.61 0.24 8.67
CA VAL A 28 -19.38 1.66 8.41
C VAL A 28 -18.70 1.85 7.05
N PRO A 29 -18.78 3.08 6.52
CA PRO A 29 -18.18 3.38 5.22
C PRO A 29 -16.67 3.28 5.29
N ILE A 30 -16.03 3.36 4.13
CA ILE A 30 -14.60 3.57 4.05
C ILE A 30 -14.38 5.02 4.45
N LEU A 31 -13.64 5.23 5.54
CA LEU A 31 -13.45 6.57 6.10
C LEU A 31 -12.00 6.96 6.05
N ILE A 32 -11.74 8.21 5.67
CA ILE A 32 -10.37 8.74 5.71
C ILE A 32 -10.03 9.06 7.17
N SER A 33 -9.02 8.39 7.71
CA SER A 33 -8.59 8.68 9.08
C SER A 33 -7.32 9.52 9.15
N GLU A 34 -6.58 9.61 8.05
CA GLU A 34 -5.39 10.47 8.00
C GLU A 34 -5.21 11.04 6.61
N ILE A 35 -4.74 12.28 6.56
CA ILE A 35 -4.26 12.89 5.32
C ILE A 35 -2.78 13.17 5.55
N HIS A 36 -1.90 12.49 4.84
CA HIS A 36 -0.48 12.60 5.12
C HIS A 36 0.13 13.85 4.50
N PRO A 37 0.88 14.61 5.29
CA PRO A 37 1.30 15.92 4.79
C PRO A 37 2.19 15.84 3.55
N GLY A 38 1.85 16.64 2.55
CA GLY A 38 2.70 16.76 1.37
C GLY A 38 2.47 15.71 0.30
N GLN A 39 1.65 14.71 0.59
N GLN A 39 1.63 14.72 0.58
CA GLN A 39 1.34 13.65 -0.37
CA GLN A 39 1.35 13.68 -0.40
C GLN A 39 0.11 14.04 -1.21
C GLN A 39 0.08 14.03 -1.20
N PRO A 40 -0.27 13.23 -2.21
CA PRO A 40 -1.28 13.75 -3.16
C PRO A 40 -2.62 14.19 -2.59
N ALA A 41 -3.19 13.47 -1.63
CA ALA A 41 -4.48 13.88 -1.10
C ALA A 41 -4.38 15.25 -0.41
N ASP A 42 -3.30 15.46 0.34
CA ASP A 42 -3.09 16.77 0.96
C ASP A 42 -2.97 17.86 -0.11
N ARG A 43 -2.17 17.59 -1.13
CA ARG A 43 -1.93 18.56 -2.20
C ARG A 43 -3.20 18.90 -2.99
N CYS A 44 -4.09 17.96 -3.21
CA CYS A 44 -5.31 18.26 -3.94
C CYS A 44 -6.27 19.18 -3.25
N GLY A 45 -6.23 19.21 -1.93
CA GLY A 45 -6.95 20.21 -1.17
C GLY A 45 -8.38 19.91 -0.73
N GLY A 46 -9.01 18.93 -1.36
CA GLY A 46 -10.43 18.67 -1.15
C GLY A 46 -10.79 17.43 -0.36
N LEU A 47 -9.80 16.71 0.17
CA LEU A 47 -10.05 15.48 0.93
C LEU A 47 -9.61 15.70 2.38
N HIS A 48 -10.44 15.27 3.33
CA HIS A 48 -10.17 15.55 4.73
C HIS A 48 -10.47 14.38 5.65
N VAL A 49 -9.82 14.37 6.81
CA VAL A 49 -10.09 13.36 7.82
C VAL A 49 -11.57 13.41 8.18
N GLY A 50 -12.21 12.24 8.19
CA GLY A 50 -13.62 12.13 8.49
C GLY A 50 -14.50 11.99 7.26
N ASP A 51 -13.94 12.26 6.08
CA ASP A 51 -14.67 12.01 4.84
C ASP A 51 -14.90 10.52 4.65
N ALA A 52 -16.12 10.17 4.26
CA ALA A 52 -16.42 8.85 3.75
C ALA A 52 -16.20 8.85 2.25
N ILE A 53 -15.51 7.83 1.75
CA ILE A 53 -15.30 7.72 0.31
C ILE A 53 -16.42 6.89 -0.27
N LEU A 54 -17.27 7.55 -1.04
CA LEU A 54 -18.45 6.91 -1.62
C LEU A 54 -18.12 6.20 -2.92
N ALA A 55 -17.17 6.75 -3.67
CA ALA A 55 -16.78 6.17 -4.96
C ALA A 55 -15.44 6.75 -5.41
N VAL A 56 -14.76 6.02 -6.29
CA VAL A 56 -13.53 6.51 -6.88
C VAL A 56 -13.51 6.15 -8.37
N ASN A 57 -13.31 7.15 -9.23
CA ASN A 57 -13.41 6.93 -10.67
C ASN A 57 -14.65 6.14 -11.09
N GLY A 58 -15.78 6.45 -10.46
CA GLY A 58 -17.03 5.79 -10.79
C GLY A 58 -17.23 4.41 -10.20
N VAL A 59 -16.27 3.93 -9.41
CA VAL A 59 -16.42 2.65 -8.71
C VAL A 59 -17.02 2.87 -7.32
N ASN A 60 -18.22 2.33 -7.09
CA ASN A 60 -18.89 2.48 -5.81
C ASN A 60 -18.05 1.82 -4.71
N LEU A 61 -17.90 2.53 -3.60
CA LEU A 61 -17.20 1.98 -2.45
C LEU A 61 -18.11 1.91 -1.24
N ARG A 62 -19.40 2.16 -1.44
CA ARG A 62 -20.32 2.29 -0.31
C ARG A 62 -20.54 1.00 0.47
N ASP A 63 -20.44 -0.14 -0.21
CA ASP A 63 -20.68 -1.41 0.46
C ASP A 63 -19.47 -2.33 0.37
N THR A 64 -18.30 -1.73 0.26
CA THR A 64 -17.07 -2.48 0.06
C THR A 64 -16.44 -2.83 1.41
N LYS A 65 -15.88 -4.03 1.51
CA LYS A 65 -15.10 -4.42 2.68
C LYS A 65 -13.77 -3.68 2.66
N HIS A 66 -13.14 -3.59 3.83
CA HIS A 66 -11.91 -2.83 3.97
C HIS A 66 -10.86 -3.16 2.89
N LYS A 67 -10.52 -4.43 2.76
CA LYS A 67 -9.46 -4.82 1.82
C LYS A 67 -9.87 -4.72 0.35
N GLU A 68 -11.17 -4.86 0.08
CA GLU A 68 -11.66 -4.59 -1.26
C GLU A 68 -11.36 -3.15 -1.64
N ALA A 69 -11.65 -2.24 -0.71
CA ALA A 69 -11.40 -0.82 -0.93
C ALA A 69 -9.92 -0.51 -1.12
N VAL A 70 -9.05 -1.19 -0.37
CA VAL A 70 -7.62 -0.98 -0.53
C VAL A 70 -7.21 -1.34 -1.96
N THR A 71 -7.64 -2.49 -2.44
CA THR A 71 -7.31 -2.91 -3.80
C THR A 71 -7.81 -1.92 -4.84
N ILE A 72 -9.09 -1.55 -4.73
CA ILE A 72 -9.67 -0.63 -5.68
C ILE A 72 -8.97 0.73 -5.66
N LEU A 73 -8.78 1.29 -4.47
CA LEU A 73 -8.13 2.59 -4.34
C LEU A 73 -6.70 2.61 -4.85
N SER A 74 -5.92 1.58 -4.53
CA SER A 74 -4.52 1.53 -4.93
C SER A 74 -4.31 1.29 -6.43
N GLN A 75 -5.33 0.80 -7.11
CA GLN A 75 -5.26 0.58 -8.56
C GLN A 75 -5.40 1.86 -9.36
N GLN A 76 -5.96 2.91 -8.76
CA GLN A 76 -6.22 4.12 -9.55
C GLN A 76 -4.94 4.89 -9.83
N ARG A 77 -4.85 5.46 -11.02
CA ARG A 77 -3.65 6.16 -11.45
C ARG A 77 -3.99 7.54 -12.03
N GLY A 78 -3.05 8.47 -11.90
CA GLY A 78 -3.13 9.72 -12.63
C GLY A 78 -4.12 10.73 -12.08
N GLU A 79 -5.12 11.05 -12.89
CA GLU A 79 -6.18 11.99 -12.51
C GLU A 79 -7.33 11.16 -11.96
N ILE A 80 -7.56 11.27 -10.66
CA ILE A 80 -8.45 10.36 -9.96
C ILE A 80 -9.62 11.15 -9.34
N GLU A 81 -10.84 10.81 -9.72
CA GLU A 81 -12.00 11.52 -9.19
C GLU A 81 -12.60 10.77 -7.99
N PHE A 82 -12.75 11.47 -6.88
CA PHE A 82 -13.36 10.93 -5.67
C PHE A 82 -14.74 11.51 -5.48
N GLU A 83 -15.67 10.69 -4.98
CA GLU A 83 -16.95 11.18 -4.50
C GLU A 83 -16.93 10.94 -3.00
N VAL A 84 -17.04 12.02 -2.22
CA VAL A 84 -16.85 11.95 -0.77
C VAL A 84 -17.92 12.74 -0.03
N VAL A 85 -18.11 12.41 1.25
CA VAL A 85 -19.02 13.16 2.08
C VAL A 85 -18.54 13.16 3.52
N TYR A 86 -18.58 14.32 4.17
CA TYR A 86 -18.26 14.40 5.58
C TYR A 86 -19.52 14.21 6.41
N VAL A 87 -19.48 13.26 7.34
CA VAL A 87 -20.58 13.05 8.27
C VAL A 87 -20.12 13.33 9.70
N GLY B 1 8.00 8.33 6.72
CA GLY B 1 8.17 8.62 5.32
C GLY B 1 6.95 8.27 4.49
N PRO B 2 6.92 8.73 3.23
CA PRO B 2 5.76 8.51 2.37
C PRO B 2 5.79 7.17 1.66
N ILE B 3 4.61 6.73 1.23
CA ILE B 3 4.56 5.57 0.35
C ILE B 3 5.34 5.84 -0.92
N ARG B 4 6.13 4.86 -1.34
CA ARG B 4 6.82 4.93 -2.62
C ARG B 4 6.46 3.69 -3.40
N LYS B 5 6.37 3.84 -4.73
CA LYS B 5 6.29 2.68 -5.60
C LYS B 5 7.60 2.60 -6.37
N VAL B 6 8.22 1.42 -6.31
CA VAL B 6 9.58 1.21 -6.75
C VAL B 6 9.61 0.06 -7.75
N LEU B 7 10.33 0.22 -8.85
CA LEU B 7 10.45 -0.85 -9.83
C LEU B 7 11.74 -1.62 -9.65
N LEU B 8 11.61 -2.94 -9.66
CA LEU B 8 12.75 -3.83 -9.57
C LEU B 8 12.77 -4.67 -10.85
N LEU B 9 13.91 -4.75 -11.52
CA LEU B 9 14.00 -5.57 -12.73
C LEU B 9 14.75 -6.87 -12.44
N LYS B 10 14.06 -7.99 -12.60
CA LYS B 10 14.60 -9.31 -12.28
C LYS B 10 14.73 -10.14 -13.56
N GLU B 11 15.93 -10.65 -13.81
CA GLU B 11 16.10 -11.65 -14.85
C GLU B 11 15.52 -12.97 -14.35
N ASP B 12 15.09 -13.83 -15.28
CA ASP B 12 14.45 -15.08 -14.89
C ASP B 12 15.34 -15.99 -14.06
N HIS B 13 16.65 -15.87 -14.23
CA HIS B 13 17.60 -16.68 -13.46
C HIS B 13 17.93 -16.06 -12.09
N GLU B 14 17.53 -14.80 -11.89
CA GLU B 14 17.85 -14.08 -10.65
C GLU B 14 16.74 -14.19 -9.62
N GLY B 15 17.12 -14.03 -8.35
CA GLY B 15 16.15 -13.80 -7.29
C GLY B 15 15.98 -12.31 -7.09
N LEU B 16 15.22 -11.92 -6.07
CA LEU B 16 14.98 -10.52 -5.78
C LEU B 16 16.16 -9.85 -5.09
N GLY B 17 16.89 -10.62 -4.28
CA GLY B 17 18.00 -10.09 -3.52
C GLY B 17 17.58 -9.39 -2.24
N ILE B 18 16.57 -9.94 -1.57
CA ILE B 18 16.11 -9.39 -0.30
C ILE B 18 15.88 -10.48 0.74
N SER B 19 16.11 -10.14 2.00
CA SER B 19 15.65 -10.96 3.10
C SER B 19 14.42 -10.29 3.68
N ILE B 20 13.41 -11.07 4.02
CA ILE B 20 12.25 -10.49 4.68
C ILE B 20 11.88 -11.19 5.98
N THR B 21 11.22 -10.43 6.84
CA THR B 21 10.77 -10.94 8.12
C THR B 21 9.41 -10.32 8.42
N GLY B 22 8.82 -10.67 9.55
CA GLY B 22 7.53 -10.12 9.91
C GLY B 22 6.37 -10.81 9.23
N GLY B 23 5.22 -10.14 9.22
CA GLY B 23 3.99 -10.72 8.69
C GLY B 23 2.88 -10.75 9.72
N LYS B 24 1.68 -11.04 9.25
CA LYS B 24 0.46 -11.01 10.05
C LYS B 24 0.53 -11.76 11.38
N GLU B 25 1.17 -12.93 11.38
CA GLU B 25 1.20 -13.74 12.59
C GLU B 25 2.04 -13.13 13.71
N HIS B 26 2.80 -12.09 13.37
CA HIS B 26 3.57 -11.37 14.38
C HIS B 26 3.07 -9.95 14.60
N GLY B 27 1.94 -9.62 13.99
CA GLY B 27 1.33 -8.32 14.18
C GLY B 27 2.11 -7.15 13.60
N VAL B 28 2.95 -7.43 12.60
CA VAL B 28 3.76 -6.40 11.96
C VAL B 28 3.74 -6.60 10.45
N PRO B 29 4.16 -5.57 9.69
CA PRO B 29 4.18 -5.74 8.24
C PRO B 29 5.22 -6.75 7.79
N ILE B 30 5.14 -7.11 6.51
CA ILE B 30 6.24 -7.75 5.82
C ILE B 30 7.37 -6.71 5.72
N LEU B 31 8.52 -7.04 6.29
CA LEU B 31 9.61 -6.08 6.43
C LEU B 31 10.86 -6.55 5.71
N ILE B 32 11.52 -5.64 5.01
CA ILE B 32 12.83 -5.95 4.46
C ILE B 32 13.88 -5.91 5.56
N SER B 33 14.57 -7.04 5.77
CA SER B 33 15.61 -7.08 6.80
C SER B 33 17.03 -7.05 6.25
N GLU B 34 17.17 -7.35 4.96
CA GLU B 34 18.48 -7.30 4.30
C GLU B 34 18.33 -6.98 2.83
N ILE B 35 19.25 -6.19 2.29
CA ILE B 35 19.37 -5.97 0.86
C ILE B 35 20.70 -6.55 0.43
N HIS B 36 20.67 -7.53 -0.46
CA HIS B 36 21.88 -8.24 -0.88
C HIS B 36 22.64 -7.55 -2.02
N PRO B 37 23.94 -7.30 -1.81
CA PRO B 37 24.74 -6.49 -2.74
C PRO B 37 24.74 -7.03 -4.17
N GLY B 38 24.47 -6.15 -5.13
CA GLY B 38 24.59 -6.49 -6.54
C GLY B 38 23.38 -7.17 -7.15
N GLN B 39 22.45 -7.60 -6.30
CA GLN B 39 21.26 -8.27 -6.79
C GLN B 39 20.18 -7.24 -7.11
N PRO B 40 19.06 -7.67 -7.71
CA PRO B 40 18.11 -6.69 -8.26
C PRO B 40 17.61 -5.62 -7.27
N ALA B 41 17.32 -5.97 -6.03
CA ALA B 41 16.82 -4.96 -5.08
C ALA B 41 17.87 -3.88 -4.83
N ASP B 42 19.12 -4.28 -4.66
CA ASP B 42 20.21 -3.33 -4.54
C ASP B 42 20.32 -2.46 -5.79
N ARG B 43 20.30 -3.10 -6.96
CA ARG B 43 20.52 -2.39 -8.23
C ARG B 43 19.49 -1.29 -8.47
N CYS B 44 18.24 -1.56 -8.13
CA CYS B 44 17.17 -0.59 -8.37
C CYS B 44 17.32 0.66 -7.51
N GLY B 45 17.95 0.52 -6.35
CA GLY B 45 18.31 1.66 -5.52
C GLY B 45 17.19 2.31 -4.73
N GLY B 46 16.00 1.71 -4.76
CA GLY B 46 14.84 2.30 -4.10
C GLY B 46 14.24 1.48 -2.97
N LEU B 47 14.88 0.37 -2.62
CA LEU B 47 14.44 -0.49 -1.52
C LEU B 47 15.50 -0.53 -0.45
N HIS B 48 15.08 -0.43 0.81
CA HIS B 48 16.03 -0.31 1.91
C HIS B 48 15.61 -1.13 3.12
N VAL B 49 16.58 -1.51 3.94
CA VAL B 49 16.29 -2.22 5.17
C VAL B 49 15.37 -1.39 6.05
N GLY B 50 14.33 -2.04 6.57
CA GLY B 50 13.34 -1.34 7.37
C GLY B 50 12.08 -0.98 6.61
N ASP B 51 12.14 -1.00 5.28
CA ASP B 51 10.93 -0.79 4.48
C ASP B 51 9.89 -1.88 4.74
N ALA B 52 8.64 -1.46 4.87
CA ALA B 52 7.51 -2.36 4.89
C ALA B 52 7.03 -2.55 3.46
N ILE B 53 6.84 -3.79 3.04
CA ILE B 53 6.27 -4.07 1.74
C ILE B 53 4.75 -4.15 1.89
N LEU B 54 4.06 -3.11 1.44
CA LEU B 54 2.62 -3.04 1.51
C LEU B 54 1.95 -3.84 0.41
N ALA B 55 2.55 -3.84 -0.77
CA ALA B 55 1.99 -4.57 -1.89
C ALA B 55 3.07 -4.84 -2.90
N VAL B 56 2.85 -5.85 -3.73
CA VAL B 56 3.73 -6.13 -4.85
C VAL B 56 2.86 -6.41 -6.08
N ASN B 57 3.15 -5.69 -7.16
CA ASN B 57 2.35 -5.80 -8.38
C ASN B 57 0.85 -5.80 -8.11
N GLY B 58 0.42 -4.92 -7.22
CA GLY B 58 -1.00 -4.80 -6.92
C GLY B 58 -1.60 -5.90 -6.06
N VAL B 59 -0.76 -6.73 -5.45
CA VAL B 59 -1.22 -7.70 -4.47
C VAL B 59 -0.99 -7.13 -3.07
N ASN B 60 -2.08 -6.86 -2.36
CA ASN B 60 -2.01 -6.25 -1.04
C ASN B 60 -1.47 -7.27 -0.03
N LEU B 61 -0.33 -6.93 0.59
CA LEU B 61 0.32 -7.80 1.57
C LEU B 61 0.26 -7.21 2.97
N ARG B 62 -0.64 -6.26 3.18
CA ARG B 62 -0.75 -5.63 4.51
C ARG B 62 -1.28 -6.57 5.58
N ASP B 63 -2.01 -7.60 5.18
CA ASP B 63 -2.63 -8.49 6.16
C ASP B 63 -2.45 -9.95 5.77
N THR B 64 -1.21 -10.29 5.44
CA THR B 64 -0.86 -11.61 4.94
C THR B 64 0.23 -12.21 5.81
N LYS B 65 0.14 -13.50 6.09
CA LYS B 65 1.16 -14.17 6.87
C LYS B 65 2.47 -14.27 6.11
N HIS B 66 3.56 -14.40 6.85
CA HIS B 66 4.90 -14.49 6.27
C HIS B 66 5.00 -15.41 5.05
N LYS B 67 4.63 -16.69 5.23
CA LYS B 67 4.86 -17.69 4.21
C LYS B 67 4.15 -17.37 2.90
N GLU B 68 2.88 -16.96 3.01
CA GLU B 68 2.11 -16.63 1.84
C GLU B 68 2.64 -15.39 1.12
N ALA B 69 3.06 -14.38 1.90
CA ALA B 69 3.67 -13.21 1.29
C ALA B 69 4.93 -13.59 0.51
N VAL B 70 5.76 -14.44 1.11
CA VAL B 70 6.98 -14.87 0.46
C VAL B 70 6.68 -15.63 -0.84
N THR B 71 5.67 -16.49 -0.79
CA THR B 71 5.26 -17.21 -2.00
C THR B 71 4.82 -16.26 -3.12
N ILE B 72 3.97 -15.29 -2.79
CA ILE B 72 3.53 -14.31 -3.79
C ILE B 72 4.73 -13.55 -4.38
N LEU B 73 5.61 -13.10 -3.48
CA LEU B 73 6.78 -12.35 -3.93
C LEU B 73 7.63 -13.21 -4.88
N SER B 74 7.80 -14.48 -4.53
CA SER B 74 8.65 -15.40 -5.30
C SER B 74 8.11 -15.69 -6.70
N GLN B 75 6.81 -15.50 -6.89
CA GLN B 75 6.17 -15.79 -8.17
C GLN B 75 6.26 -14.64 -9.17
N GLN B 76 6.70 -13.46 -8.71
CA GLN B 76 6.76 -12.29 -9.59
C GLN B 76 7.90 -12.38 -10.57
N ARG B 77 7.70 -11.83 -11.76
CA ARG B 77 8.71 -11.92 -12.82
C ARG B 77 8.89 -10.60 -13.54
N GLY B 78 10.06 -10.41 -14.14
CA GLY B 78 10.33 -9.26 -14.97
C GLY B 78 10.48 -7.98 -14.16
N GLU B 79 9.78 -6.94 -14.60
CA GLU B 79 9.79 -5.65 -13.94
C GLU B 79 8.67 -5.64 -12.91
N ILE B 80 9.06 -5.55 -11.63
CA ILE B 80 8.14 -5.81 -10.53
C ILE B 80 7.97 -4.54 -9.71
N GLU B 81 6.73 -4.16 -9.47
CA GLU B 81 6.46 -2.96 -8.69
C GLU B 81 6.23 -3.27 -7.21
N PHE B 82 7.03 -2.65 -6.35
CA PHE B 82 6.88 -2.76 -4.91
C PHE B 82 6.26 -1.49 -4.37
N GLU B 83 5.23 -1.62 -3.56
CA GLU B 83 4.68 -0.47 -2.85
C GLU B 83 5.20 -0.57 -1.43
N VAL B 84 6.06 0.37 -1.04
CA VAL B 84 6.75 0.31 0.25
C VAL B 84 6.61 1.58 1.04
N VAL B 85 6.86 1.48 2.34
CA VAL B 85 6.86 2.64 3.20
C VAL B 85 7.86 2.45 4.33
N TYR B 86 8.57 3.52 4.66
CA TYR B 86 9.45 3.55 5.82
C TYR B 86 8.78 4.53 6.75
N VAL B 87 8.05 4.02 7.74
CA VAL B 87 7.21 4.87 8.56
C VAL B 87 8.04 5.69 9.54
N ARG C 4 -12.81 -2.97 17.30
CA ARG C 4 -11.73 -2.18 16.72
C ARG C 4 -11.58 -2.43 15.22
N TRP C 5 -11.52 -1.34 14.46
CA TRP C 5 -11.41 -1.42 13.01
C TRP C 5 -9.94 -1.41 12.58
N PRO C 6 -9.67 -1.96 11.41
CA PRO C 6 -8.33 -1.89 10.81
C PRO C 6 -8.10 -0.54 10.15
N THR C 7 -6.83 -0.18 10.03
CA THR C 7 -6.42 1.00 9.29
C THR C 7 -5.40 0.57 8.26
N SER C 8 -5.50 1.11 7.04
CA SER C 8 -4.50 0.88 6.01
C SER C 8 -3.98 2.22 5.49
N ILE C 9 -2.67 2.31 5.31
CA ILE C 9 -2.04 3.47 4.68
C ILE C 9 -1.97 3.20 3.18
N LEU C 10 -2.34 4.18 2.36
CA LEU C 10 -2.55 4.02 0.93
C LEU C 10 -2.02 5.19 0.16
N ALA D 1 13.34 -5.32 14.33
CA ALA D 1 12.63 -6.59 14.18
C ALA D 1 13.11 -7.62 15.19
N ASN D 2 12.22 -8.51 15.58
CA ASN D 2 12.54 -9.56 16.56
C ASN D 2 13.23 -10.75 15.89
N SER D 3 14.43 -11.08 16.38
CA SER D 3 15.21 -12.16 15.78
C SER D 3 14.51 -13.52 15.77
N ARG D 4 13.48 -13.68 16.59
CA ARG D 4 12.76 -14.95 16.65
C ARG D 4 11.73 -15.09 15.54
N TRP D 5 11.33 -13.97 14.93
CA TRP D 5 10.48 -14.02 13.74
C TRP D 5 11.24 -14.75 12.64
N PRO D 6 10.53 -15.53 11.82
CA PRO D 6 11.19 -16.24 10.72
C PRO D 6 11.82 -15.26 9.71
N THR D 7 12.88 -15.69 9.05
CA THR D 7 13.47 -14.94 7.94
C THR D 7 13.41 -15.78 6.68
N SER D 8 13.00 -15.16 5.59
CA SER D 8 13.05 -15.78 4.28
C SER D 8 13.94 -14.96 3.38
N ILE D 9 14.55 -15.63 2.41
CA ILE D 9 15.37 -14.97 1.40
C ILE D 9 14.75 -15.18 0.03
N LEU D 10 14.71 -14.11 -0.75
CA LEU D 10 14.06 -14.14 -2.05
C LEU D 10 14.96 -13.51 -3.11
#